data_5D9W
#
_entry.id   5D9W
#
_cell.length_a   46.848
_cell.length_b   47.279
_cell.length_c   50.992
_cell.angle_alpha   90.00
_cell.angle_beta   108.23
_cell.angle_gamma   90.00
#
_symmetry.space_group_name_H-M   'P 1 21 1'
#
loop_
_entity.id
_entity.type
_entity.pdbx_description
1 polymer 'Dehydroascorbate reductase'
2 non-polymer 'ASCORBIC ACID'
3 water water
#
_entity_poly.entity_id   1
_entity_poly.type   'polypeptide(L)'
_entity_poly.pdbx_seq_one_letter_code
;MHHHHHHASENLYFQGAMGVEVCVKAAVGHPDTLGDSPFSQRVLLTLEEKKVPYEMKLIDVQNKPDWFLKISPEGKVPVF
NGGDGKWIPDSDVITQVIEEKYPTPSLVTPPEYASVGSKIFSCFTTFLKSKDPNDGSEKALLTELQALEEHLKAHGPFIN
GQNISAADLSLAPKLYHLQVALEHFKGWKIPEDLTNVHAYTEALFSRESFIKTKAAKEHLIAGWAPKVNA
;
_entity_poly.pdbx_strand_id   A
#
# COMPACT_ATOMS: atom_id res chain seq x y z
N GLY A 19 12.76 -16.69 -13.02
CA GLY A 19 11.65 -15.76 -13.09
C GLY A 19 11.02 -15.45 -11.74
N VAL A 20 10.95 -14.17 -11.39
CA VAL A 20 10.34 -13.74 -10.15
C VAL A 20 8.82 -13.92 -10.19
N GLU A 21 8.26 -14.45 -9.11
CA GLU A 21 6.81 -14.62 -8.99
C GLU A 21 6.31 -14.04 -7.69
N VAL A 22 5.11 -13.46 -7.72
CA VAL A 22 4.50 -12.95 -6.50
C VAL A 22 3.02 -13.35 -6.44
N CYS A 23 2.59 -13.81 -5.26
CA CYS A 23 1.17 -14.08 -5.04
C CYS A 23 0.57 -12.86 -4.33
N VAL A 24 -0.52 -12.34 -4.86
CA VAL A 24 -1.19 -11.16 -4.28
C VAL A 24 -2.69 -11.40 -4.15
N LYS A 25 -3.35 -10.55 -3.37
CA LYS A 25 -4.80 -10.66 -3.17
C LYS A 25 -5.58 -10.32 -4.44
N ALA A 26 -6.57 -11.15 -4.78
CA ALA A 26 -7.47 -10.81 -5.87
C ALA A 26 -8.61 -9.91 -5.35
N ALA A 27 -9.28 -9.22 -6.26
CA ALA A 27 -10.43 -8.41 -5.91
C ALA A 27 -11.52 -9.30 -5.28
N VAL A 28 -12.15 -8.80 -4.22
CA VAL A 28 -13.20 -9.59 -3.59
C VAL A 28 -14.31 -9.88 -4.59
N GLY A 29 -14.72 -11.15 -4.66
CA GLY A 29 -15.77 -11.54 -5.59
C GLY A 29 -15.32 -11.62 -7.04
N HIS A 30 -14.07 -11.29 -7.30
CA HIS A 30 -13.55 -11.31 -8.69
C HIS A 30 -12.16 -11.93 -8.76
N PRO A 31 -12.07 -13.27 -8.76
CA PRO A 31 -10.80 -13.97 -8.59
C PRO A 31 -9.77 -13.78 -9.70
N ASP A 32 -10.19 -13.29 -10.87
CA ASP A 32 -9.26 -13.09 -11.98
C ASP A 32 -8.84 -11.64 -12.12
N THR A 33 -9.16 -10.84 -11.10
CA THR A 33 -8.91 -9.40 -11.13
C THR A 33 -8.02 -9.01 -9.96
N LEU A 34 -7.05 -8.13 -10.20
CA LEU A 34 -6.15 -7.68 -9.14
C LEU A 34 -6.91 -7.00 -8.01
N GLY A 35 -6.55 -7.33 -6.78
CA GLY A 35 -7.24 -6.85 -5.61
C GLY A 35 -6.58 -5.65 -4.99
N ASP A 36 -6.91 -5.40 -3.73
CA ASP A 36 -6.61 -4.11 -3.09
C ASP A 36 -5.76 -4.20 -1.84
N SER A 37 -4.99 -5.27 -1.68
CA SER A 37 -4.08 -5.34 -0.54
C SER A 37 -2.98 -4.27 -0.66
N PRO A 38 -2.86 -3.39 0.36
CA PRO A 38 -1.82 -2.37 0.22
C PRO A 38 -0.42 -2.95 0.38
N PHE A 39 -0.35 -4.11 1.01
CA PHE A 39 0.94 -4.75 1.30
C PHE A 39 1.39 -5.47 0.03
N SER A 40 0.43 -6.13 -0.62
CA SER A 40 0.67 -6.65 -1.96
C SER A 40 1.08 -5.54 -2.90
N GLN A 41 0.38 -4.40 -2.86
CA GLN A 41 0.66 -3.38 -3.87
C GLN A 41 2.06 -2.80 -3.66
N ARG A 42 2.51 -2.73 -2.42
CA ARG A 42 3.86 -2.26 -2.09
C ARG A 42 4.93 -3.08 -2.83
N VAL A 43 4.74 -4.40 -2.82
CA VAL A 43 5.64 -5.32 -3.51
C VAL A 43 5.57 -5.16 -5.02
N LEU A 44 4.36 -5.10 -5.56
CA LEU A 44 4.18 -4.92 -6.99
C LEU A 44 4.81 -3.59 -7.48
N LEU A 45 4.57 -2.53 -6.73
CA LEU A 45 5.14 -1.23 -7.06
C LEU A 45 6.66 -1.30 -7.11
N THR A 46 7.24 -2.01 -6.15
CA THR A 46 8.68 -2.11 -6.07
C THR A 46 9.24 -2.78 -7.31
N LEU A 47 8.64 -3.90 -7.71
CA LEU A 47 9.08 -4.60 -8.91
C LEU A 47 8.88 -3.75 -10.18
N GLU A 48 7.74 -3.07 -10.25
CA GLU A 48 7.48 -2.21 -11.39
C GLU A 48 8.49 -1.08 -11.49
N GLU A 49 8.76 -0.42 -10.38
CA GLU A 49 9.67 0.73 -10.40
C GLU A 49 11.11 0.29 -10.71
N LYS A 50 11.48 -0.90 -10.27
CA LYS A 50 12.82 -1.42 -10.57
C LYS A 50 12.87 -2.17 -11.90
N LYS A 51 11.73 -2.20 -12.61
CA LYS A 51 11.65 -2.81 -13.93
C LYS A 51 11.98 -4.30 -13.92
N VAL A 52 11.70 -4.95 -12.79
CA VAL A 52 11.95 -6.38 -12.65
C VAL A 52 10.78 -7.15 -13.25
N PRO A 53 11.06 -8.05 -14.21
CA PRO A 53 9.98 -8.88 -14.75
C PRO A 53 9.46 -9.84 -13.69
N TYR A 54 8.15 -10.01 -13.65
CA TYR A 54 7.59 -10.94 -12.69
C TYR A 54 6.30 -11.54 -13.18
N GLU A 55 5.92 -12.68 -12.60
CA GLU A 55 4.62 -13.28 -12.86
C GLU A 55 3.76 -13.05 -11.63
N MET A 56 2.54 -12.59 -11.86
CA MET A 56 1.63 -12.31 -10.77
C MET A 56 0.63 -13.44 -10.66
N LYS A 57 0.49 -13.99 -9.46
CA LYS A 57 -0.52 -15.01 -9.20
C LYS A 57 -1.62 -14.46 -8.30
N LEU A 58 -2.85 -14.39 -8.81
CA LEU A 58 -3.97 -13.85 -8.03
C LEU A 58 -4.58 -14.91 -7.13
N ILE A 59 -4.72 -14.56 -5.86
CA ILE A 59 -5.23 -15.44 -4.82
C ILE A 59 -6.56 -14.88 -4.28
N ASP A 60 -7.64 -15.67 -4.40
CA ASP A 60 -8.90 -15.32 -3.73
C ASP A 60 -8.71 -15.62 -2.26
N VAL A 61 -8.52 -14.58 -1.45
CA VAL A 61 -8.15 -14.83 -0.06
C VAL A 61 -9.34 -15.40 0.74
N GLN A 62 -10.53 -15.41 0.13
CA GLN A 62 -11.66 -16.09 0.74
C GLN A 62 -11.91 -17.47 0.15
N ASN A 63 -11.03 -17.87 -0.77
CA ASN A 63 -11.11 -19.22 -1.32
C ASN A 63 -9.74 -19.61 -1.85
N LYS A 64 -8.75 -19.66 -0.95
CA LYS A 64 -7.37 -19.91 -1.35
C LYS A 64 -7.24 -21.28 -1.94
N PRO A 65 -6.51 -21.38 -3.05
CA PRO A 65 -6.32 -22.69 -3.68
C PRO A 65 -5.38 -23.60 -2.88
N ASP A 66 -5.53 -24.92 -2.96
CA ASP A 66 -4.69 -25.74 -2.09
C ASP A 66 -3.21 -25.63 -2.42
N TRP A 67 -2.87 -25.40 -3.69
CA TRP A 67 -1.47 -25.31 -4.06
C TRP A 67 -0.85 -24.15 -3.30
N PHE A 68 -1.65 -23.11 -3.08
CA PHE A 68 -1.17 -21.94 -2.37
C PHE A 68 -0.96 -22.18 -0.88
N LEU A 69 -1.89 -22.89 -0.25
CA LEU A 69 -1.75 -23.22 1.16
C LEU A 69 -0.54 -24.11 1.38
N LYS A 70 -0.17 -24.87 0.34
CA LYS A 70 0.99 -25.74 0.44
C LYS A 70 2.28 -24.92 0.51
N ILE A 71 2.31 -23.77 -0.18
CA ILE A 71 3.50 -22.91 -0.17
C ILE A 71 3.40 -21.79 0.86
N SER A 72 2.17 -21.50 1.30
CA SER A 72 1.93 -20.46 2.29
C SER A 72 0.92 -20.97 3.32
N PRO A 73 1.36 -21.90 4.19
CA PRO A 73 0.46 -22.68 5.05
C PRO A 73 -0.32 -21.85 6.09
N GLU A 74 0.13 -20.62 6.32
CA GLU A 74 -0.55 -19.72 7.24
C GLU A 74 -1.48 -18.79 6.49
N GLY A 75 -1.54 -18.95 5.17
CA GLY A 75 -2.43 -18.20 4.31
C GLY A 75 -1.98 -16.76 4.04
N LYS A 76 -0.75 -16.45 4.43
CA LYS A 76 -0.21 -15.10 4.24
C LYS A 76 -0.11 -14.68 2.78
N VAL A 77 -0.52 -13.45 2.52
CA VAL A 77 -0.43 -12.82 1.21
C VAL A 77 0.03 -11.39 1.45
N PRO A 78 1.00 -10.88 0.67
CA PRO A 78 1.68 -11.51 -0.47
C PRO A 78 2.76 -12.49 -0.05
N VAL A 79 3.13 -13.38 -0.95
CA VAL A 79 4.40 -14.09 -0.84
C VAL A 79 5.19 -13.96 -2.13
N PHE A 80 6.50 -13.94 -1.98
CA PHE A 80 7.42 -13.61 -3.05
C PHE A 80 8.37 -14.77 -3.31
N ASN A 81 8.53 -15.11 -4.58
CA ASN A 81 9.53 -16.10 -4.97
C ASN A 81 10.52 -15.43 -5.89
N GLY A 82 11.73 -15.22 -5.39
CA GLY A 82 12.76 -14.54 -6.16
C GLY A 82 13.43 -15.45 -7.17
N GLY A 83 12.89 -16.66 -7.30
CA GLY A 83 13.47 -17.68 -8.15
C GLY A 83 14.29 -18.69 -7.36
N ASP A 84 14.77 -18.26 -6.20
CA ASP A 84 15.67 -19.09 -5.37
C ASP A 84 14.97 -20.24 -4.65
N GLY A 85 13.86 -20.72 -5.22
CA GLY A 85 13.18 -21.87 -4.67
C GLY A 85 12.69 -21.71 -3.24
N LYS A 86 11.91 -20.66 -3.00
CA LYS A 86 11.26 -20.48 -1.70
C LYS A 86 10.36 -19.26 -1.73
N TRP A 87 9.22 -19.38 -1.06
CA TRP A 87 8.26 -18.30 -0.99
C TRP A 87 8.36 -17.56 0.33
N ILE A 88 8.65 -16.26 0.27
CA ILE A 88 8.78 -15.51 1.52
C ILE A 88 7.65 -14.50 1.70
N PRO A 89 7.14 -14.39 2.94
CA PRO A 89 6.08 -13.46 3.31
C PRO A 89 6.64 -12.14 3.84
N ASP A 90 5.75 -11.22 4.21
CA ASP A 90 6.08 -9.97 4.88
C ASP A 90 6.59 -8.94 3.90
N SER A 91 5.72 -7.98 3.53
CA SER A 91 6.08 -7.00 2.51
C SER A 91 7.33 -6.19 2.88
N ASP A 92 7.55 -5.98 4.18
CA ASP A 92 8.78 -5.33 4.63
C ASP A 92 10.00 -6.11 4.17
N VAL A 93 10.00 -7.41 4.49
CA VAL A 93 11.11 -8.28 4.17
C VAL A 93 11.26 -8.44 2.67
N ILE A 94 10.13 -8.64 1.98
CA ILE A 94 10.15 -8.85 0.54
C ILE A 94 10.80 -7.68 -0.19
N THR A 95 10.40 -6.46 0.15
CA THR A 95 10.95 -5.29 -0.57
C THR A 95 12.43 -5.09 -0.23
N GLN A 96 12.87 -5.57 0.92
CA GLN A 96 14.29 -5.51 1.26
C GLN A 96 15.08 -6.51 0.42
N VAL A 97 14.51 -7.70 0.24
CA VAL A 97 15.13 -8.73 -0.59
C VAL A 97 15.25 -8.28 -2.04
N ILE A 98 14.21 -7.63 -2.53
CA ILE A 98 14.23 -7.11 -3.89
C ILE A 98 15.27 -6.00 -4.05
N GLU A 99 15.41 -5.18 -3.02
CA GLU A 99 16.39 -4.10 -3.02
C GLU A 99 17.80 -4.65 -3.15
N GLU A 100 18.05 -5.76 -2.46
CA GLU A 100 19.35 -6.41 -2.44
C GLU A 100 19.67 -7.11 -3.75
N LYS A 101 18.64 -7.66 -4.39
CA LYS A 101 18.82 -8.42 -5.61
C LYS A 101 18.87 -7.51 -6.83
N TYR A 102 18.18 -6.37 -6.74
CA TYR A 102 18.10 -5.41 -7.83
C TYR A 102 18.34 -3.99 -7.30
N PRO A 103 19.61 -3.65 -7.06
CA PRO A 103 20.02 -2.41 -6.39
C PRO A 103 19.79 -1.14 -7.20
N THR A 104 19.61 -1.27 -8.51
CA THR A 104 19.46 -0.13 -9.40
C THR A 104 18.16 -0.20 -10.18
N PRO A 105 17.29 0.81 -10.06
CA PRO A 105 17.44 2.06 -9.30
C PRO A 105 17.37 1.83 -7.79
N SER A 106 18.16 2.58 -7.02
CA SER A 106 18.08 2.45 -5.56
C SER A 106 16.77 3.03 -5.03
N LEU A 107 16.08 2.27 -4.19
CA LEU A 107 14.88 2.76 -3.52
C LEU A 107 15.09 2.88 -2.02
N VAL A 108 16.34 2.86 -1.59
CA VAL A 108 16.67 2.92 -0.16
C VAL A 108 16.18 4.23 0.44
N THR A 109 15.41 4.13 1.52
CA THR A 109 15.01 5.32 2.26
C THR A 109 15.93 5.49 3.46
N PRO A 110 16.50 6.69 3.64
CA PRO A 110 17.35 6.94 4.82
C PRO A 110 16.63 6.54 6.11
N PRO A 111 17.36 5.91 7.03
CA PRO A 111 16.82 5.44 8.32
C PRO A 111 16.02 6.51 9.07
N GLU A 112 16.48 7.76 9.01
CA GLU A 112 15.82 8.85 9.73
C GLU A 112 14.40 9.12 9.24
N TYR A 113 14.10 8.70 8.02
CA TYR A 113 12.80 8.97 7.43
C TYR A 113 11.95 7.72 7.30
N ALA A 114 12.51 6.58 7.70
CA ALA A 114 11.87 5.29 7.52
C ALA A 114 10.46 5.23 8.11
N SER A 115 10.24 5.94 9.21
CA SER A 115 8.98 5.85 9.93
C SER A 115 8.01 7.01 9.63
N VAL A 116 8.34 7.83 8.65
CA VAL A 116 7.45 8.90 8.23
C VAL A 116 6.10 8.33 7.77
N GLY A 117 5.02 8.72 8.43
CA GLY A 117 3.69 8.29 8.05
C GLY A 117 3.28 6.91 8.54
N SER A 118 4.01 6.39 9.52
CA SER A 118 3.83 5.01 9.96
C SER A 118 2.48 4.77 10.65
N LYS A 119 1.90 5.81 11.24
CA LYS A 119 0.66 5.65 12.01
C LYS A 119 -0.59 6.04 11.21
N ILE A 120 -0.39 6.52 9.98
CA ILE A 120 -1.51 6.99 9.16
C ILE A 120 -2.55 5.90 8.85
N PHE A 121 -2.09 4.73 8.42
CA PHE A 121 -3.01 3.66 8.02
C PHE A 121 -3.88 3.17 9.19
N SER A 122 -3.25 2.92 10.34
CA SER A 122 -3.99 2.43 11.50
C SER A 122 -4.99 3.48 12.01
N CYS A 123 -4.58 4.75 11.99
CA CYS A 123 -5.50 5.82 12.39
C CYS A 123 -6.66 5.91 11.41
N PHE A 124 -6.38 5.65 10.13
CA PHE A 124 -7.42 5.64 9.11
C PHE A 124 -8.43 4.49 9.31
N THR A 125 -7.93 3.30 9.61
CA THR A 125 -8.85 2.16 9.74
C THR A 125 -9.74 2.31 10.98
N THR A 126 -9.19 2.89 12.04
CA THR A 126 -9.97 3.14 13.25
C THR A 126 -11.07 4.16 13.00
N PHE A 127 -10.70 5.26 12.35
CA PHE A 127 -11.66 6.30 11.97
C PHE A 127 -12.71 5.72 11.04
N LEU A 128 -12.28 4.95 10.05
CA LEU A 128 -13.20 4.35 9.07
C LEU A 128 -14.26 3.51 9.75
N LYS A 129 -13.85 2.71 10.73
CA LYS A 129 -14.75 1.78 11.39
C LYS A 129 -15.48 2.42 12.57
N SER A 130 -15.06 3.61 12.97
CA SER A 130 -15.68 4.32 14.07
C SER A 130 -17.13 4.70 13.75
N LYS A 131 -18.02 4.38 14.68
CA LYS A 131 -19.43 4.72 14.53
C LYS A 131 -19.79 5.85 15.49
N ASP A 132 -18.75 6.47 16.05
CA ASP A 132 -18.92 7.59 16.97
C ASP A 132 -18.14 8.81 16.46
N PRO A 133 -18.87 9.77 15.85
CA PRO A 133 -18.29 10.96 15.23
C PRO A 133 -17.50 11.87 16.18
N ASN A 134 -17.50 11.56 17.47
CA ASN A 134 -16.79 12.39 18.45
C ASN A 134 -15.84 11.61 19.35
N ASP A 135 -15.32 10.50 18.87
CA ASP A 135 -14.45 9.67 19.70
C ASP A 135 -12.96 10.00 19.50
N GLY A 136 -12.68 11.08 18.77
CA GLY A 136 -11.32 11.52 18.56
C GLY A 136 -10.55 10.73 17.52
N SER A 137 -11.19 9.76 16.89
CA SER A 137 -10.52 8.97 15.86
C SER A 137 -10.20 9.85 14.65
N GLU A 138 -11.05 10.84 14.36
CA GLU A 138 -10.77 11.75 13.27
C GLU A 138 -9.57 12.64 13.59
N LYS A 139 -9.55 13.21 14.79
CA LYS A 139 -8.47 14.11 15.14
C LYS A 139 -7.11 13.40 15.11
N ALA A 140 -7.10 12.16 15.61
CA ALA A 140 -5.91 11.31 15.53
C ALA A 140 -5.36 11.22 14.10
N LEU A 141 -6.24 10.90 13.16
CA LEU A 141 -5.83 10.79 11.75
C LEU A 141 -5.27 12.11 11.24
N LEU A 142 -5.96 13.20 11.53
CA LEU A 142 -5.52 14.53 11.09
C LEU A 142 -4.14 14.85 11.64
N THR A 143 -3.93 14.51 12.91
CA THR A 143 -2.64 14.72 13.56
C THR A 143 -1.50 14.05 12.81
N GLU A 144 -1.71 12.79 12.41
CA GLU A 144 -0.71 12.06 11.63
C GLU A 144 -0.58 12.65 10.23
N LEU A 145 -1.71 12.98 9.62
CA LEU A 145 -1.68 13.63 8.32
C LEU A 145 -0.94 14.95 8.43
N GLN A 146 -1.18 15.67 9.53
CA GLN A 146 -0.48 16.91 9.79
C GLN A 146 1.03 16.69 9.83
N ALA A 147 1.44 15.64 10.55
CA ALA A 147 2.86 15.31 10.65
C ALA A 147 3.47 15.01 9.28
N LEU A 148 2.75 14.28 8.44
CA LEU A 148 3.21 14.02 7.08
C LEU A 148 3.34 15.32 6.29
N GLU A 149 2.34 16.19 6.42
CA GLU A 149 2.35 17.49 5.74
C GLU A 149 3.57 18.33 6.11
N GLU A 150 3.99 18.23 7.36
CA GLU A 150 5.15 18.99 7.84
C GLU A 150 6.44 18.43 7.25
N HIS A 151 6.54 17.11 7.18
CA HIS A 151 7.75 16.49 6.65
C HIS A 151 7.95 16.78 5.17
N LEU A 152 6.87 16.79 4.42
CA LEU A 152 6.92 17.04 2.98
C LEU A 152 7.17 18.51 2.72
N LYS A 153 6.66 19.36 3.62
CA LYS A 153 6.87 20.80 3.52
C LYS A 153 8.35 21.13 3.62
N ALA A 154 9.08 20.31 4.39
CA ALA A 154 10.49 20.54 4.64
C ALA A 154 11.39 19.66 3.77
N HIS A 155 10.91 18.48 3.41
CA HIS A 155 11.74 17.54 2.67
C HIS A 155 11.07 16.98 1.42
N GLY A 156 10.07 17.70 0.89
CA GLY A 156 9.35 17.26 -0.30
C GLY A 156 10.24 17.08 -1.52
N PRO A 157 9.66 16.58 -2.63
CA PRO A 157 8.25 16.22 -2.79
C PRO A 157 7.92 14.82 -2.28
N PHE A 158 8.84 13.87 -2.46
CA PHE A 158 8.67 12.54 -1.91
C PHE A 158 9.15 12.52 -0.45
N ILE A 159 9.22 11.33 0.14
CA ILE A 159 9.66 11.20 1.53
C ILE A 159 11.15 11.52 1.66
N ASN A 160 11.92 11.19 0.62
CA ASN A 160 13.32 11.53 0.58
C ASN A 160 13.56 12.63 -0.44
N GLY A 161 12.82 13.72 -0.31
CA GLY A 161 12.86 14.82 -1.26
C GLY A 161 12.58 14.31 -2.65
N GLN A 162 13.59 14.38 -3.50
CA GLN A 162 13.59 13.63 -4.74
C GLN A 162 14.82 12.73 -4.71
N ASN A 163 14.64 11.48 -5.15
CA ASN A 163 13.41 11.06 -5.77
C ASN A 163 12.63 10.02 -4.96
N ILE A 164 11.97 9.11 -5.67
CA ILE A 164 11.11 8.09 -5.06
C ILE A 164 11.93 7.04 -4.31
N SER A 165 11.39 6.52 -3.21
CA SER A 165 12.09 5.48 -2.44
C SER A 165 11.11 4.50 -1.82
N ALA A 166 11.64 3.50 -1.12
CA ALA A 166 10.83 2.44 -0.50
C ALA A 166 9.71 2.99 0.37
N ALA A 167 10.01 4.03 1.15
CA ALA A 167 9.01 4.60 2.05
C ALA A 167 7.79 5.11 1.29
N ASP A 168 8.01 5.62 0.08
CA ASP A 168 6.91 6.10 -0.77
C ASP A 168 6.02 4.95 -1.24
N LEU A 169 6.65 3.85 -1.62
CA LEU A 169 5.93 2.71 -2.17
C LEU A 169 5.18 1.96 -1.09
N SER A 170 5.59 2.14 0.16
CA SER A 170 4.86 1.60 1.30
C SER A 170 3.66 2.48 1.63
N LEU A 171 3.88 3.80 1.67
CA LEU A 171 2.83 4.71 2.08
C LEU A 171 1.75 4.97 1.02
N ALA A 172 2.15 5.03 -0.26
CA ALA A 172 1.21 5.35 -1.34
C ALA A 172 -0.03 4.45 -1.34
N PRO A 173 0.16 3.13 -1.32
CA PRO A 173 -1.00 2.22 -1.29
C PRO A 173 -1.93 2.49 -0.10
N LYS A 174 -1.37 2.81 1.06
CA LYS A 174 -2.17 3.10 2.24
C LYS A 174 -2.96 4.41 2.11
N LEU A 175 -2.32 5.44 1.56
CA LEU A 175 -3.04 6.71 1.34
C LEU A 175 -4.15 6.54 0.31
N TYR A 176 -3.98 5.61 -0.62
CA TYR A 176 -5.00 5.36 -1.62
C TYR A 176 -6.26 4.81 -0.95
N HIS A 177 -6.06 3.88 -0.02
CA HIS A 177 -7.16 3.34 0.78
C HIS A 177 -7.83 4.41 1.59
N LEU A 178 -7.02 5.21 2.27
CA LEU A 178 -7.55 6.31 3.06
C LEU A 178 -8.45 7.21 2.20
N GLN A 179 -7.95 7.62 1.03
CA GLN A 179 -8.68 8.59 0.21
C GLN A 179 -9.99 8.01 -0.31
N VAL A 180 -9.92 6.83 -0.90
CA VAL A 180 -11.08 6.23 -1.51
C VAL A 180 -12.11 5.80 -0.46
N ALA A 181 -11.65 5.14 0.59
CA ALA A 181 -12.58 4.58 1.59
C ALA A 181 -13.25 5.66 2.43
N LEU A 182 -12.46 6.62 2.90
CA LEU A 182 -13.04 7.67 3.73
C LEU A 182 -13.99 8.55 2.91
N GLU A 183 -13.64 8.81 1.66
CA GLU A 183 -14.51 9.59 0.79
C GLU A 183 -15.84 8.85 0.61
N HIS A 184 -15.76 7.54 0.37
CA HIS A 184 -16.97 6.77 0.07
C HIS A 184 -17.85 6.54 1.30
N PHE A 185 -17.26 6.03 2.37
CA PHE A 185 -18.03 5.61 3.52
C PHE A 185 -18.36 6.75 4.49
N LYS A 186 -17.61 7.85 4.44
CA LYS A 186 -17.86 8.94 5.38
C LYS A 186 -17.90 10.32 4.72
N GLY A 187 -17.76 10.37 3.39
CA GLY A 187 -17.74 11.64 2.69
C GLY A 187 -16.69 12.59 3.24
N TRP A 188 -15.61 12.01 3.76
CA TRP A 188 -14.54 12.76 4.41
C TRP A 188 -13.33 12.88 3.48
N LYS A 189 -12.75 14.08 3.43
CA LYS A 189 -11.61 14.32 2.57
C LYS A 189 -10.45 14.93 3.36
N ILE A 190 -9.23 14.61 2.93
CA ILE A 190 -8.03 15.23 3.48
C ILE A 190 -8.12 16.72 3.24
N PRO A 191 -8.08 17.53 4.32
CA PRO A 191 -8.23 18.97 4.20
C PRO A 191 -7.35 19.56 3.09
N GLU A 192 -7.89 20.54 2.38
CA GLU A 192 -7.15 21.16 1.29
C GLU A 192 -5.93 21.91 1.82
N ASP A 193 -6.00 22.33 3.09
CA ASP A 193 -4.89 23.02 3.75
C ASP A 193 -3.60 22.22 3.66
N LEU A 194 -3.71 20.90 3.70
CA LEU A 194 -2.53 20.05 3.62
C LEU A 194 -2.05 19.99 2.18
N THR A 195 -1.42 21.07 1.73
CA THR A 195 -1.05 21.22 0.33
C THR A 195 -0.02 20.20 -0.14
N ASN A 196 0.97 19.93 0.70
CA ASN A 196 2.04 19.00 0.33
C ASN A 196 1.55 17.56 0.19
N VAL A 197 0.63 17.16 1.08
CA VAL A 197 0.07 15.81 1.02
C VAL A 197 -0.73 15.59 -0.26
N HIS A 198 -1.52 16.59 -0.65
CA HIS A 198 -2.29 16.50 -1.87
C HIS A 198 -1.37 16.45 -3.09
N ALA A 199 -0.30 17.24 -3.06
CA ALA A 199 0.70 17.18 -4.11
C ALA A 199 1.29 15.78 -4.17
N TYR A 200 1.55 15.22 -2.98
CA TYR A 200 2.15 13.91 -2.81
C TYR A 200 1.29 12.79 -3.39
N THR A 201 0.02 12.73 -2.98
CA THR A 201 -0.86 11.67 -3.46
C THR A 201 -1.13 11.83 -4.96
N GLU A 202 -1.29 13.06 -5.43
CA GLU A 202 -1.49 13.30 -6.86
C GLU A 202 -0.32 12.77 -7.68
N ALA A 203 0.90 13.04 -7.21
CA ALA A 203 2.10 12.57 -7.91
C ALA A 203 2.17 11.04 -7.88
N LEU A 204 2.09 10.46 -6.69
CA LEU A 204 2.23 9.02 -6.54
C LEU A 204 1.12 8.23 -7.25
N PHE A 205 -0.13 8.64 -7.10
CA PHE A 205 -1.23 7.89 -7.69
C PHE A 205 -1.22 7.90 -9.23
N SER A 206 -0.58 8.90 -9.81
CA SER A 206 -0.58 9.05 -11.27
C SER A 206 0.64 8.42 -11.94
N ARG A 207 1.54 7.85 -11.14
CA ARG A 207 2.69 7.13 -11.68
C ARG A 207 2.24 5.91 -12.45
N GLU A 208 2.91 5.62 -13.57
CA GLU A 208 2.59 4.44 -14.36
C GLU A 208 2.50 3.19 -13.49
N SER A 209 3.44 3.04 -12.57
CA SER A 209 3.46 1.84 -11.74
C SER A 209 2.24 1.75 -10.83
N PHE A 210 1.77 2.90 -10.33
CA PHE A 210 0.64 2.89 -9.43
C PHE A 210 -0.65 2.58 -10.20
N ILE A 211 -0.80 3.16 -11.38
CA ILE A 211 -1.98 2.92 -12.19
C ILE A 211 -2.07 1.44 -12.55
N LYS A 212 -0.92 0.83 -12.83
CA LYS A 212 -0.87 -0.57 -13.23
C LYS A 212 -1.22 -1.52 -12.09
N THR A 213 -0.90 -1.13 -10.86
CA THR A 213 -0.96 -2.05 -9.73
C THR A 213 -2.08 -1.77 -8.73
N LYS A 214 -2.83 -0.70 -8.93
CA LYS A 214 -3.87 -0.35 -7.96
C LYS A 214 -5.16 -1.13 -8.23
N ALA A 215 -6.00 -1.25 -7.21
CA ALA A 215 -7.32 -1.86 -7.39
C ALA A 215 -8.27 -0.85 -8.00
N ALA A 216 -9.18 -1.31 -8.86
CA ALA A 216 -10.32 -0.46 -9.22
C ALA A 216 -11.06 -0.05 -7.93
N LYS A 217 -11.55 1.19 -7.88
CA LYS A 217 -12.05 1.68 -6.60
C LYS A 217 -13.25 0.90 -6.09
N GLU A 218 -14.07 0.37 -7.00
CA GLU A 218 -15.23 -0.39 -6.58
C GLU A 218 -14.80 -1.65 -5.81
N HIS A 219 -13.64 -2.18 -6.14
CA HIS A 219 -13.17 -3.39 -5.48
C HIS A 219 -12.55 -3.09 -4.12
N LEU A 220 -11.94 -1.91 -4.00
CA LEU A 220 -11.42 -1.44 -2.74
C LEU A 220 -12.57 -1.17 -1.77
N ILE A 221 -13.62 -0.55 -2.30
CA ILE A 221 -14.84 -0.31 -1.53
C ILE A 221 -15.46 -1.65 -1.11
N ALA A 222 -15.50 -2.61 -2.03
CA ALA A 222 -16.04 -3.93 -1.71
C ALA A 222 -15.22 -4.64 -0.62
N GLY A 223 -13.91 -4.40 -0.60
CA GLY A 223 -13.03 -5.03 0.36
C GLY A 223 -13.30 -4.51 1.77
N TRP A 224 -13.61 -3.23 1.86
CA TRP A 224 -13.88 -2.60 3.17
C TRP A 224 -15.33 -2.68 3.65
N ALA A 225 -16.29 -2.89 2.75
CA ALA A 225 -17.69 -2.73 3.11
C ALA A 225 -18.13 -3.64 4.28
N PRO A 226 -17.73 -4.92 4.25
CA PRO A 226 -18.15 -5.80 5.35
C PRO A 226 -17.62 -5.30 6.69
N LYS A 227 -16.38 -4.80 6.68
CA LYS A 227 -15.72 -4.34 7.89
C LYS A 227 -16.34 -3.05 8.42
N VAL A 228 -16.84 -2.22 7.51
CA VAL A 228 -17.54 -1.02 7.92
C VAL A 228 -18.86 -1.37 8.59
N ASN A 229 -19.49 -2.45 8.10
CA ASN A 229 -20.76 -2.91 8.64
C ASN A 229 -20.56 -4.04 9.66
#